data_6S41
#
_entry.id   6S41
#
_cell.length_a   84.318
_cell.length_b   89.002
_cell.length_c   105.815
_cell.angle_alpha   90.00
_cell.angle_beta   90.00
_cell.angle_gamma   90.00
#
_symmetry.space_group_name_H-M   'P 21 21 21'
#
loop_
_entity.id
_entity.type
_entity.pdbx_description
1 polymer 'Nuclear receptor subfamily 1 group I member 2'
2 non-polymer 4-[[(1~{S})-1-[2,5-bis(fluoranyl)phenyl]ethyl]amino]-5-chloranyl-2-fluoranyl-~{N}-(1,3-thiazol-4-yl)benzenesulfonamide
3 water water
#
_entity_poly.entity_id   1
_entity_poly.type   'polypeptide(L)'
_entity_poly.pdbx_seq_one_letter_code
;LGVQGLTEEQRMMIRELMDAQMKTFDTTFSHFKNFRLPGVLSSGCELPESLQAPSREEAAKWSQVRKDLCSLKVSLQLRG
EDGSVWNYKPPADSGGKEIFSLLPHMADMSTYMFKGIISFAKVISYFRDLPIEDQISLLKGAAFELCQLRFNTVFNAETG
TWECGRLSYCLEDTAGGFQQLLLEPMLKFHYMLKKLQLHEEEYVLMQAISLFSPDRPGVLQHRVVDQLQEQFAITLKSYI
ECNRPQPAHRFLFLKIMAMLTELRSINAQHTQRLLRIQDIHPFATPLMQELFGITGSGGSGGSSHSSLTERHKILHRLLQ
EGS
;
_entity_poly.pdbx_strand_id   A,B
#
loop_
_chem_comp.id
_chem_comp.type
_chem_comp.name
_chem_comp.formula
KUB non-polymer 4-[[(1~{S})-1-[2,5-bis(fluoranyl)phenyl]ethyl]amino]-5-chloranyl-2-fluoranyl-~{N}-(1,3-thiazol-4-yl)benzenesulfonamide 'C17 H13 Cl F3 N3 O2 S2'
#
# COMPACT_ATOMS: atom_id res chain seq x y z
N LEU A 6 -45.54 -7.07 -19.79
CA LEU A 6 -46.33 -6.16 -20.69
C LEU A 6 -47.47 -5.38 -20.04
N THR A 7 -48.13 -5.93 -19.01
CA THR A 7 -49.23 -5.23 -18.32
C THR A 7 -48.69 -3.97 -17.64
N GLU A 8 -49.54 -2.95 -17.53
CA GLU A 8 -49.10 -1.66 -17.00
C GLU A 8 -48.72 -1.73 -15.51
N GLU A 9 -49.38 -2.62 -14.76
CA GLU A 9 -48.98 -2.89 -13.37
C GLU A 9 -47.55 -3.42 -13.27
N GLN A 10 -47.24 -4.39 -14.14
CA GLN A 10 -45.88 -4.93 -14.28
C GLN A 10 -44.84 -3.91 -14.76
N ARG A 11 -45.24 -3.00 -15.64
CA ARG A 11 -44.38 -1.89 -16.07
C ARG A 11 -44.03 -0.94 -14.90
N MET A 12 -45.04 -0.55 -14.13
CA MET A 12 -44.86 0.28 -12.94
C MET A 12 -44.18 -0.44 -11.77
N MET A 13 -44.42 -1.75 -11.66
CA MET A 13 -43.68 -2.64 -10.75
C MET A 13 -42.18 -2.62 -11.03
N ILE A 14 -41.80 -2.79 -12.30
CA ILE A 14 -40.39 -2.73 -12.73
C ILE A 14 -39.81 -1.32 -12.53
N ARG A 15 -40.56 -0.29 -12.92
CA ARG A 15 -40.14 1.10 -12.78
C ARG A 15 -39.89 1.50 -11.33
N GLU A 16 -40.67 0.96 -10.39
CA GLU A 16 -40.44 1.19 -8.95
C GLU A 16 -39.11 0.62 -8.46
N LEU A 17 -38.83 -0.61 -8.88
CA LEU A 17 -37.58 -1.25 -8.51
C LEU A 17 -36.36 -0.58 -9.16
N MET A 18 -36.49 -0.23 -10.44
CA MET A 18 -35.42 0.48 -11.15
C MET A 18 -35.13 1.85 -10.57
N ASP A 19 -36.19 2.59 -10.25
CA ASP A 19 -36.09 3.85 -9.48
C ASP A 19 -35.36 3.62 -8.16
N ALA A 20 -35.81 2.63 -7.39
CA ALA A 20 -35.18 2.25 -6.12
C ALA A 20 -33.70 2.01 -6.24
N GLN A 21 -33.34 1.18 -7.22
CA GLN A 21 -31.95 0.79 -7.49
C GLN A 21 -31.09 2.03 -7.83
N MET A 22 -31.63 2.90 -8.69
CA MET A 22 -30.96 4.15 -9.06
C MET A 22 -30.71 5.08 -7.87
N LYS A 23 -31.73 5.29 -7.05
CA LYS A 23 -31.64 6.13 -5.83
C LYS A 23 -30.71 5.60 -4.72
N THR A 24 -30.46 4.28 -4.70
CA THR A 24 -29.80 3.60 -3.58
C THR A 24 -28.52 2.78 -3.87
N PHE A 25 -28.17 2.56 -5.14
CA PHE A 25 -26.95 1.84 -5.53
C PHE A 25 -25.93 2.84 -6.07
N ASP A 26 -24.87 3.06 -5.30
CA ASP A 26 -23.73 3.90 -5.70
C ASP A 26 -22.82 3.02 -6.56
N THR A 27 -23.07 3.02 -7.87
CA THR A 27 -22.34 2.14 -8.81
C THR A 27 -20.85 2.45 -8.92
N THR A 28 -20.51 3.75 -8.86
CA THR A 28 -19.12 4.23 -8.85
C THR A 28 -18.41 4.14 -7.50
N PHE A 29 -19.10 3.76 -6.42
CA PHE A 29 -18.57 3.79 -5.03
C PHE A 29 -17.99 5.17 -4.63
N SER A 30 -18.53 6.24 -5.22
CA SER A 30 -18.06 7.61 -4.98
C SER A 30 -18.21 8.05 -3.51
N HIS A 31 -19.26 7.56 -2.85
CA HIS A 31 -19.57 7.91 -1.46
C HIS A 31 -19.04 6.94 -0.41
N PHE A 32 -18.41 5.84 -0.82
CA PHE A 32 -17.71 4.95 0.09
C PHE A 32 -16.35 5.54 0.47
N LYS A 33 -16.22 5.99 1.70
CA LYS A 33 -14.98 6.60 2.20
C LYS A 33 -14.85 6.42 3.73
N ASN A 34 -13.71 6.84 4.28
CA ASN A 34 -13.38 6.70 5.72
C ASN A 34 -13.40 5.24 6.18
N PHE A 35 -12.91 4.36 5.31
CA PHE A 35 -12.88 2.92 5.53
C PHE A 35 -11.49 2.54 5.99
N ARG A 36 -11.42 1.41 6.73
CA ARG A 36 -10.16 0.89 7.25
C ARG A 36 -9.42 0.11 6.17
N LEU A 37 -8.09 0.10 6.27
CA LEU A 37 -7.21 -0.73 5.43
C LEU A 37 -6.25 -1.54 6.33
N PRO A 38 -5.72 -2.68 5.82
CA PRO A 38 -4.70 -3.40 6.56
C PRO A 38 -3.41 -2.59 6.73
N GLY A 39 -2.68 -2.87 7.81
CA GLY A 39 -1.51 -2.09 8.23
C GLY A 39 -0.26 -2.25 7.37
N VAL A 40 0.90 -1.87 7.93
CA VAL A 40 2.19 -1.79 7.19
C VAL A 40 3.32 -2.58 7.87
N GLU A 57 -9.58 -27.63 21.50
CA GLU A 57 -10.95 -27.12 21.63
C GLU A 57 -11.12 -25.79 20.90
N GLU A 58 -10.29 -24.81 21.29
CA GLU A 58 -10.11 -23.57 20.54
C GLU A 58 -9.28 -23.83 19.26
N ALA A 59 -8.31 -24.74 19.33
CA ALA A 59 -7.52 -25.23 18.16
C ALA A 59 -8.36 -25.79 17.01
N ALA A 60 -9.44 -26.50 17.34
CA ALA A 60 -10.40 -27.01 16.34
C ALA A 60 -11.22 -25.91 15.65
N LYS A 61 -11.58 -24.87 16.41
CA LYS A 61 -12.19 -23.66 15.85
C LYS A 61 -11.23 -22.92 14.91
N TRP A 62 -9.97 -22.76 15.35
CA TRP A 62 -8.92 -22.11 14.54
C TRP A 62 -8.60 -22.85 13.23
N SER A 63 -8.50 -24.19 13.30
CA SER A 63 -8.33 -25.05 12.11
C SER A 63 -9.41 -24.83 11.07
N GLN A 64 -10.66 -24.80 11.55
CA GLN A 64 -11.82 -24.51 10.70
C GLN A 64 -11.81 -23.08 10.13
N VAL A 65 -11.44 -22.10 10.95
CA VAL A 65 -11.39 -20.68 10.54
C VAL A 65 -10.30 -20.37 9.47
N ARG A 66 -9.15 -21.06 9.56
CA ARG A 66 -8.12 -21.03 8.49
C ARG A 66 -8.64 -21.58 7.16
N LYS A 67 -9.36 -22.70 7.22
CA LYS A 67 -10.05 -23.27 6.05
C LYS A 67 -11.08 -22.31 5.43
N ASP A 68 -11.83 -21.59 6.28
CA ASP A 68 -12.85 -20.62 5.82
C ASP A 68 -12.28 -19.47 4.99
N LEU A 69 -11.23 -18.84 5.54
CA LEU A 69 -10.56 -17.69 4.90
C LEU A 69 -9.68 -18.04 3.68
N CYS A 70 -9.10 -19.24 3.64
CA CYS A 70 -8.20 -19.68 2.52
C CYS A 70 -8.86 -19.78 1.13
N SER A 71 -10.18 -19.91 1.09
CA SER A 71 -10.96 -19.90 -0.16
C SER A 71 -11.13 -18.50 -0.78
N LEU A 72 -11.57 -17.53 0.03
CA LEU A 72 -11.98 -16.18 -0.44
C LEU A 72 -10.91 -15.08 -0.24
N LYS A 73 -9.68 -15.38 -0.68
CA LYS A 73 -8.55 -14.43 -0.59
C LYS A 73 -8.61 -13.46 -1.78
N VAL A 74 -8.45 -12.16 -1.50
CA VAL A 74 -8.25 -11.14 -2.55
C VAL A 74 -7.07 -10.22 -2.28
N SER A 75 -6.43 -9.77 -3.37
CA SER A 75 -5.62 -8.54 -3.38
C SER A 75 -6.54 -7.32 -3.54
N LEU A 76 -6.07 -6.18 -3.07
CA LEU A 76 -6.85 -4.94 -3.01
C LEU A 76 -6.07 -3.91 -3.78
N GLN A 77 -6.72 -3.26 -4.75
CA GLN A 77 -6.11 -2.20 -5.56
C GLN A 77 -6.89 -0.89 -5.33
N LEU A 78 -6.15 0.21 -5.16
CA LEU A 78 -6.69 1.55 -4.91
C LEU A 78 -6.08 2.55 -5.90
N ARG A 79 -6.87 2.97 -6.90
CA ARG A 79 -6.46 3.99 -7.87
C ARG A 79 -6.72 5.39 -7.31
N GLY A 80 -5.67 6.19 -7.12
CA GLY A 80 -5.80 7.57 -6.68
C GLY A 80 -6.35 8.50 -7.77
N GLU A 81 -6.95 9.61 -7.32
CA GLU A 81 -7.42 10.70 -8.21
C GLU A 81 -6.29 11.20 -9.14
N ASP A 82 -5.10 11.38 -8.58
CA ASP A 82 -3.88 11.80 -9.32
C ASP A 82 -3.23 10.83 -10.36
N GLY A 83 -3.72 9.59 -10.48
CA GLY A 83 -3.12 8.56 -11.38
C GLY A 83 -2.28 7.47 -10.72
N SER A 84 -1.94 7.65 -9.42
CA SER A 84 -1.21 6.65 -8.63
C SER A 84 -2.05 5.41 -8.31
N VAL A 85 -1.37 4.28 -8.08
CA VAL A 85 -2.00 3.00 -7.68
C VAL A 85 -1.36 2.44 -6.40
N TRP A 86 -2.16 2.34 -5.33
CA TRP A 86 -1.80 1.55 -4.13
C TRP A 86 -2.34 0.13 -4.31
N ASN A 87 -1.47 -0.89 -4.21
CA ASN A 87 -1.86 -2.31 -4.32
C ASN A 87 -1.51 -3.08 -3.03
N TYR A 88 -2.50 -3.69 -2.37
CA TYR A 88 -2.28 -4.60 -1.23
C TYR A 88 -2.33 -6.06 -1.66
N LYS A 89 -1.23 -6.79 -1.44
CA LYS A 89 -1.19 -8.25 -1.60
C LYS A 89 -1.27 -8.89 -0.21
N PRO A 90 -2.24 -9.83 0.01
CA PRO A 90 -2.42 -10.37 1.35
C PRO A 90 -1.36 -11.42 1.72
N PRO A 91 -1.12 -11.61 3.04
CA PRO A 91 -0.09 -12.57 3.48
C PRO A 91 -0.53 -14.01 3.24
N ALA A 92 0.45 -14.90 3.06
CA ALA A 92 0.22 -16.35 3.10
C ALA A 92 -0.01 -16.75 4.57
N ASP A 93 -0.92 -17.70 4.79
CA ASP A 93 -1.23 -18.24 6.13
C ASP A 93 0.01 -18.92 6.73
N SER A 94 0.58 -18.27 7.74
CA SER A 94 1.61 -18.87 8.62
C SER A 94 0.99 -19.57 9.84
N GLY A 95 -0.16 -19.08 10.32
CA GLY A 95 -0.93 -19.68 11.43
C GLY A 95 -1.07 -18.72 12.60
N GLY A 96 -1.77 -17.62 12.35
CA GLY A 96 -1.95 -16.56 13.35
C GLY A 96 -2.91 -15.49 12.88
N LYS A 97 -2.83 -14.31 13.50
CA LYS A 97 -3.73 -13.17 13.19
C LYS A 97 -3.60 -12.57 11.77
N GLU A 98 -2.46 -12.79 11.09
CA GLU A 98 -2.23 -12.36 9.68
C GLU A 98 -3.34 -12.69 8.66
N ILE A 99 -3.99 -13.84 8.82
CA ILE A 99 -5.17 -14.22 7.99
C ILE A 99 -6.42 -13.31 8.12
N PHE A 100 -6.51 -12.55 9.23
CA PHE A 100 -7.58 -11.59 9.49
C PHE A 100 -7.31 -10.16 8.99
N SER A 101 -6.10 -9.90 8.48
CA SER A 101 -5.67 -8.64 7.85
C SER A 101 -6.75 -7.79 7.19
N LEU A 102 -7.49 -8.40 6.28
CA LEU A 102 -8.51 -7.72 5.47
C LEU A 102 -9.91 -7.63 6.09
N LEU A 103 -10.19 -8.35 7.18
CA LEU A 103 -11.54 -8.35 7.77
C LEU A 103 -12.11 -6.96 8.11
N PRO A 104 -11.32 -6.07 8.78
CA PRO A 104 -11.84 -4.72 9.08
C PRO A 104 -12.26 -3.90 7.85
N HIS A 105 -11.51 -4.01 6.77
CA HIS A 105 -11.89 -3.35 5.51
C HIS A 105 -13.17 -3.93 4.89
N MET A 106 -13.21 -5.26 4.78
CA MET A 106 -14.37 -5.99 4.25
C MET A 106 -15.66 -5.69 5.02
N ALA A 107 -15.55 -5.60 6.35
CA ALA A 107 -16.67 -5.22 7.21
C ALA A 107 -17.22 -3.84 6.89
N ASP A 108 -16.31 -2.87 6.71
CA ASP A 108 -16.68 -1.49 6.32
C ASP A 108 -17.32 -1.41 4.93
N MET A 109 -16.79 -2.21 3.99
CA MET A 109 -17.37 -2.31 2.64
C MET A 109 -18.75 -2.95 2.70
N SER A 110 -18.86 -4.08 3.40
CA SER A 110 -20.12 -4.76 3.66
C SER A 110 -21.19 -3.88 4.29
N THR A 111 -20.79 -3.20 5.35
CA THR A 111 -21.66 -2.28 6.10
C THR A 111 -22.16 -1.16 5.21
N TYR A 112 -21.26 -0.60 4.39
CA TYR A 112 -21.63 0.42 3.38
C TYR A 112 -22.66 -0.12 2.39
N MET A 113 -22.43 -1.35 1.90
CA MET A 113 -23.36 -2.01 0.97
C MET A 113 -24.73 -2.32 1.58
N PHE A 114 -24.74 -2.86 2.80
CA PHE A 114 -25.97 -3.13 3.54
C PHE A 114 -26.86 -1.90 3.76
N LYS A 115 -26.22 -0.75 4.03
CA LYS A 115 -26.96 0.52 4.16
C LYS A 115 -27.67 0.90 2.85
N GLY A 116 -27.02 0.62 1.72
CA GLY A 116 -27.64 0.75 0.40
C GLY A 116 -28.85 -0.14 0.21
N ILE A 117 -28.74 -1.41 0.63
CA ILE A 117 -29.84 -2.39 0.56
C ILE A 117 -31.03 -2.03 1.45
N ILE A 118 -30.74 -1.54 2.64
CA ILE A 118 -31.79 -1.08 3.56
C ILE A 118 -32.56 0.09 2.92
N SER A 119 -31.85 1.02 2.28
CA SER A 119 -32.48 2.13 1.52
C SER A 119 -33.29 1.64 0.32
N PHE A 120 -32.75 0.67 -0.41
CA PHE A 120 -33.42 0.03 -1.55
C PHE A 120 -34.80 -0.52 -1.17
N ALA A 121 -34.82 -1.32 -0.10
CA ALA A 121 -36.05 -1.90 0.42
C ALA A 121 -37.04 -0.81 0.89
N LYS A 122 -36.53 0.21 1.58
CA LYS A 122 -37.34 1.35 2.10
C LYS A 122 -38.16 2.13 1.08
N VAL A 123 -37.69 2.25 -0.16
CA VAL A 123 -38.44 2.97 -1.22
C VAL A 123 -39.43 2.09 -2.03
N ILE A 124 -39.42 0.76 -1.81
CA ILE A 124 -40.42 -0.15 -2.41
C ILE A 124 -41.70 0.03 -1.58
N SER A 125 -42.78 0.48 -2.21
CA SER A 125 -44.09 0.64 -1.55
C SER A 125 -44.61 -0.66 -0.91
N TYR A 126 -44.44 -1.77 -1.62
CA TYR A 126 -44.86 -3.12 -1.14
C TYR A 126 -44.13 -3.52 0.14
N PHE A 127 -42.86 -3.12 0.26
CA PHE A 127 -42.04 -3.35 1.47
C PHE A 127 -42.46 -2.47 2.68
N ARG A 128 -42.63 -1.17 2.45
CA ARG A 128 -43.11 -0.23 3.48
C ARG A 128 -44.46 -0.57 4.12
N ASP A 129 -45.37 -1.13 3.31
CA ASP A 129 -46.69 -1.60 3.78
C ASP A 129 -46.64 -2.78 4.76
N LEU A 130 -45.56 -3.57 4.72
CA LEU A 130 -45.36 -4.70 5.64
C LEU A 130 -45.09 -4.22 7.07
N PRO A 131 -45.48 -5.00 8.10
CA PRO A 131 -45.14 -4.61 9.47
C PRO A 131 -43.63 -4.59 9.71
N ILE A 132 -43.18 -3.65 10.54
CA ILE A 132 -41.74 -3.38 10.77
C ILE A 132 -40.93 -4.65 11.17
N GLU A 133 -41.54 -5.53 11.97
CA GLU A 133 -40.93 -6.81 12.34
C GLU A 133 -40.64 -7.69 11.10
N ASP A 134 -41.57 -7.73 10.15
CA ASP A 134 -41.36 -8.40 8.86
C ASP A 134 -40.35 -7.68 7.96
N GLN A 135 -40.33 -6.35 7.98
CA GLN A 135 -39.30 -5.58 7.25
C GLN A 135 -37.89 -5.92 7.76
N ILE A 136 -37.76 -6.06 9.09
CA ILE A 136 -36.49 -6.45 9.71
C ILE A 136 -36.11 -7.88 9.32
N SER A 137 -37.04 -8.81 9.54
CA SER A 137 -36.84 -10.25 9.24
C SER A 137 -36.40 -10.51 7.80
N LEU A 138 -37.03 -9.82 6.86
CA LEU A 138 -36.69 -9.96 5.43
C LEU A 138 -35.33 -9.40 5.06
N LEU A 139 -34.95 -8.29 5.69
CA LEU A 139 -33.61 -7.72 5.52
C LEU A 139 -32.52 -8.59 6.14
N LYS A 140 -32.76 -9.11 7.36
CA LYS A 140 -31.90 -10.16 7.96
C LYS A 140 -31.68 -11.33 7.01
N GLY A 141 -32.78 -11.81 6.44
CA GLY A 141 -32.79 -12.89 5.46
C GLY A 141 -32.05 -12.65 4.16
N ALA A 142 -32.16 -11.43 3.62
CA ALA A 142 -31.76 -11.10 2.25
C ALA A 142 -30.52 -10.21 2.06
N ALA A 143 -30.11 -9.46 3.08
CA ALA A 143 -29.02 -8.45 2.98
C ALA A 143 -27.76 -8.94 2.25
N PHE A 144 -27.22 -10.07 2.70
CA PHE A 144 -26.09 -10.75 2.04
C PHE A 144 -26.31 -10.97 0.53
N GLU A 145 -27.47 -11.53 0.22
CA GLU A 145 -27.86 -11.94 -1.14
C GLU A 145 -27.98 -10.76 -2.09
N LEU A 146 -28.60 -9.69 -1.61
CA LEU A 146 -28.69 -8.45 -2.36
C LEU A 146 -27.33 -7.75 -2.54
N CYS A 147 -26.42 -7.89 -1.57
CA CYS A 147 -25.03 -7.42 -1.75
C CYS A 147 -24.33 -8.17 -2.83
N GLN A 148 -24.39 -9.49 -2.78
CA GLN A 148 -23.78 -10.32 -3.80
C GLN A 148 -24.39 -10.11 -5.18
N LEU A 149 -25.69 -9.91 -5.26
CA LEU A 149 -26.36 -9.55 -6.53
C LEU A 149 -25.88 -8.20 -7.07
N ARG A 150 -25.74 -7.22 -6.16
CA ARG A 150 -25.17 -5.91 -6.53
C ARG A 150 -23.68 -5.98 -6.91
N PHE A 151 -22.87 -6.72 -6.15
CA PHE A 151 -21.46 -6.96 -6.49
C PHE A 151 -21.27 -7.61 -7.87
N ASN A 152 -22.18 -8.52 -8.25
CA ASN A 152 -22.13 -9.18 -9.57
C ASN A 152 -22.16 -8.20 -10.74
N THR A 153 -22.91 -7.10 -10.59
CA THR A 153 -22.98 -6.06 -11.63
C THR A 153 -21.65 -5.31 -11.92
N VAL A 154 -20.76 -5.27 -10.93
CA VAL A 154 -19.41 -4.68 -11.04
C VAL A 154 -18.30 -5.73 -11.07
N PHE A 155 -18.66 -7.00 -11.34
CA PHE A 155 -17.68 -8.10 -11.40
C PHE A 155 -17.22 -8.26 -12.85
N ASN A 156 -15.93 -8.54 -13.01
CA ASN A 156 -15.31 -8.75 -14.31
C ASN A 156 -14.83 -10.19 -14.35
N ALA A 157 -15.57 -11.03 -15.07
CA ALA A 157 -15.22 -12.45 -15.27
C ALA A 157 -13.87 -12.70 -16.00
N GLU A 158 -13.46 -11.79 -16.89
CA GLU A 158 -12.19 -11.94 -17.63
C GLU A 158 -10.98 -11.81 -16.70
N THR A 159 -10.96 -10.74 -15.91
CA THR A 159 -9.88 -10.44 -14.94
C THR A 159 -10.12 -10.96 -13.51
N GLY A 160 -11.32 -11.47 -13.22
CA GLY A 160 -11.64 -12.02 -11.88
C GLY A 160 -11.62 -10.98 -10.78
N THR A 161 -12.25 -9.85 -11.06
CA THR A 161 -12.07 -8.60 -10.30
C THR A 161 -13.40 -7.90 -10.11
N TRP A 162 -13.74 -7.58 -8.85
CA TRP A 162 -14.87 -6.72 -8.51
C TRP A 162 -14.42 -5.27 -8.60
N GLU A 163 -14.86 -4.56 -9.62
CA GLU A 163 -14.46 -3.17 -9.91
C GLU A 163 -15.38 -2.16 -9.17
N CYS A 164 -15.04 -1.85 -7.92
CA CYS A 164 -15.84 -0.96 -7.04
C CYS A 164 -15.36 0.51 -7.12
N GLY A 165 -15.59 1.13 -8.27
CA GLY A 165 -15.06 2.46 -8.58
C GLY A 165 -13.54 2.51 -8.65
N ARG A 166 -12.94 3.19 -7.68
CA ARG A 166 -11.48 3.29 -7.54
C ARG A 166 -10.88 2.15 -6.71
N LEU A 167 -11.69 1.60 -5.83
CA LEU A 167 -11.35 0.40 -5.06
C LEU A 167 -11.65 -0.83 -5.91
N SER A 168 -10.86 -1.88 -5.72
CA SER A 168 -10.89 -3.03 -6.62
C SER A 168 -10.39 -4.29 -5.91
N TYR A 169 -11.25 -5.30 -5.82
CA TYR A 169 -10.92 -6.59 -5.20
C TYR A 169 -10.62 -7.57 -6.33
N CYS A 170 -9.48 -8.24 -6.28
CA CYS A 170 -9.06 -9.20 -7.31
C CYS A 170 -8.64 -10.51 -6.65
N LEU A 171 -9.07 -11.63 -7.23
CA LEU A 171 -8.79 -12.97 -6.70
C LEU A 171 -7.35 -13.39 -6.97
N GLU A 172 -6.78 -14.13 -6.02
CA GLU A 172 -5.42 -14.71 -6.13
C GLU A 172 -5.46 -16.12 -6.76
N ASP A 173 -4.39 -16.48 -7.47
CA ASP A 173 -4.28 -17.77 -8.20
C ASP A 173 -4.11 -18.99 -7.26
N THR A 174 -4.25 -20.19 -7.85
CA THR A 174 -3.84 -21.46 -7.22
C THR A 174 -3.30 -22.42 -8.27
N GLN A 180 -10.23 -24.26 -10.88
CA GLN A 180 -9.36 -23.88 -9.78
C GLN A 180 -10.12 -23.10 -8.71
N LEU A 181 -10.60 -21.92 -9.10
CA LEU A 181 -11.31 -20.98 -8.20
C LEU A 181 -12.79 -21.40 -8.11
N LEU A 182 -13.35 -21.74 -9.28
CA LEU A 182 -14.69 -22.36 -9.47
C LEU A 182 -15.16 -23.43 -8.45
N LEU A 183 -14.24 -24.04 -7.70
CA LEU A 183 -14.58 -24.94 -6.58
C LEU A 183 -15.37 -24.29 -5.42
N GLU A 184 -15.07 -23.02 -5.11
CA GLU A 184 -15.69 -22.30 -3.97
C GLU A 184 -17.09 -21.77 -4.36
N PRO A 185 -18.19 -22.30 -3.74
CA PRO A 185 -19.60 -21.98 -4.14
C PRO A 185 -19.95 -20.51 -4.41
N MET A 186 -19.40 -19.64 -3.57
CA MET A 186 -19.54 -18.20 -3.70
C MET A 186 -18.88 -17.64 -4.95
N LEU A 187 -17.70 -18.15 -5.31
CA LEU A 187 -16.96 -17.72 -6.52
C LEU A 187 -17.62 -18.26 -7.79
N LYS A 188 -17.91 -19.55 -7.78
CA LYS A 188 -18.74 -20.22 -8.83
C LYS A 188 -20.03 -19.44 -9.16
N PHE A 189 -20.70 -18.94 -8.12
CA PHE A 189 -21.94 -18.17 -8.24
C PHE A 189 -21.72 -16.92 -9.07
N HIS A 190 -20.67 -16.17 -8.74
CA HIS A 190 -20.34 -14.93 -9.46
C HIS A 190 -20.01 -15.12 -10.94
N TYR A 191 -19.25 -16.17 -11.26
CA TYR A 191 -18.96 -16.52 -12.66
C TYR A 191 -20.22 -16.95 -13.43
N MET A 192 -21.04 -17.80 -12.80
CA MET A 192 -22.27 -18.34 -13.42
C MET A 192 -23.31 -17.27 -13.68
N LEU A 193 -23.55 -16.40 -12.70
CA LEU A 193 -24.54 -15.34 -12.85
C LEU A 193 -24.11 -14.36 -13.91
N LYS A 194 -22.87 -13.89 -13.84
CA LYS A 194 -22.30 -13.00 -14.85
C LYS A 194 -22.39 -13.58 -16.27
N LYS A 195 -22.20 -14.88 -16.41
CA LYS A 195 -22.30 -15.59 -17.71
C LYS A 195 -23.70 -15.49 -18.36
N LEU A 196 -24.74 -15.38 -17.54
CA LEU A 196 -26.11 -15.16 -18.02
C LEU A 196 -26.34 -13.81 -18.70
N GLN A 197 -25.49 -12.80 -18.41
CA GLN A 197 -25.52 -11.49 -19.06
C GLN A 197 -26.87 -10.81 -18.88
N LEU A 198 -27.29 -10.73 -17.62
CA LEU A 198 -28.60 -10.21 -17.28
C LEU A 198 -28.65 -8.69 -17.47
N HIS A 199 -29.85 -8.20 -17.74
CA HIS A 199 -30.12 -6.77 -17.84
C HIS A 199 -30.26 -6.19 -16.44
N GLU A 200 -30.23 -4.86 -16.38
CA GLU A 200 -30.42 -4.14 -15.12
C GLU A 200 -31.76 -4.48 -14.46
N GLU A 201 -32.79 -4.60 -15.30
CA GLU A 201 -34.17 -4.90 -14.90
C GLU A 201 -34.26 -6.31 -14.30
N GLU A 202 -33.50 -7.25 -14.86
CA GLU A 202 -33.45 -8.63 -14.38
C GLU A 202 -32.77 -8.75 -13.02
N TYR A 203 -31.66 -8.03 -12.85
CA TYR A 203 -30.97 -7.93 -11.55
C TYR A 203 -31.87 -7.35 -10.45
N VAL A 204 -32.56 -6.22 -10.70
CA VAL A 204 -33.51 -5.68 -9.68
C VAL A 204 -34.68 -6.61 -9.35
N LEU A 205 -35.12 -7.38 -10.35
CA LEU A 205 -36.16 -8.40 -10.15
C LEU A 205 -35.64 -9.59 -9.34
N MET A 206 -34.39 -10.00 -9.57
CA MET A 206 -33.72 -10.98 -8.68
C MET A 206 -33.69 -10.47 -7.25
N GLN A 207 -33.29 -9.21 -7.08
CA GLN A 207 -33.26 -8.55 -5.77
C GLN A 207 -34.62 -8.58 -5.05
N ALA A 208 -35.68 -8.22 -5.77
CA ALA A 208 -37.06 -8.25 -5.23
C ALA A 208 -37.52 -9.66 -4.85
N ILE A 209 -37.18 -10.65 -5.66
CA ILE A 209 -37.55 -12.07 -5.37
C ILE A 209 -36.80 -12.59 -4.12
N SER A 210 -35.51 -12.27 -4.01
CA SER A 210 -34.73 -12.58 -2.81
C SER A 210 -35.27 -11.87 -1.58
N LEU A 211 -35.48 -10.56 -1.69
CA LEU A 211 -35.95 -9.74 -0.58
C LEU A 211 -37.27 -10.27 -0.03
N PHE A 212 -38.29 -10.30 -0.89
CA PHE A 212 -39.61 -10.81 -0.51
C PHE A 212 -39.63 -12.35 -0.57
N SER A 213 -38.97 -12.99 0.39
CA SER A 213 -38.94 -14.45 0.53
C SER A 213 -39.84 -14.81 1.72
N PRO A 214 -40.93 -15.58 1.48
CA PRO A 214 -41.88 -15.89 2.58
C PRO A 214 -41.41 -16.86 3.64
N ASP A 215 -40.34 -17.63 3.36
CA ASP A 215 -39.83 -18.66 4.29
C ASP A 215 -38.56 -18.24 5.09
N ARG A 216 -38.31 -16.92 5.24
CA ARG A 216 -37.25 -16.42 6.14
C ARG A 216 -37.74 -16.58 7.58
N PRO A 217 -36.83 -16.85 8.54
CA PRO A 217 -37.29 -17.00 9.92
C PRO A 217 -37.83 -15.67 10.50
N GLY A 218 -38.84 -15.77 11.36
CA GLY A 218 -39.47 -14.62 12.01
C GLY A 218 -40.51 -13.82 11.21
N VAL A 219 -40.90 -14.33 10.04
CA VAL A 219 -41.84 -13.62 9.15
C VAL A 219 -43.26 -14.01 9.52
N LEU A 220 -44.05 -13.04 9.99
CA LEU A 220 -45.46 -13.26 10.32
C LEU A 220 -46.36 -13.33 9.10
N GLN A 221 -46.27 -12.35 8.19
CA GLN A 221 -47.13 -12.26 7.00
C GLN A 221 -46.62 -13.14 5.85
N HIS A 222 -46.66 -14.47 6.06
N HIS A 222 -46.66 -14.47 6.05
CA HIS A 222 -46.15 -15.47 5.12
CA HIS A 222 -46.10 -15.41 5.08
C HIS A 222 -46.89 -15.40 3.78
C HIS A 222 -46.88 -15.45 3.76
N ARG A 223 -48.21 -15.44 3.83
CA ARG A 223 -49.09 -15.43 2.64
C ARG A 223 -48.99 -14.17 1.76
N VAL A 224 -48.85 -13.00 2.38
CA VAL A 224 -48.76 -11.72 1.66
C VAL A 224 -47.42 -11.63 0.90
N VAL A 225 -46.33 -11.95 1.61
CA VAL A 225 -44.97 -11.92 1.05
C VAL A 225 -44.82 -12.95 -0.11
N ASP A 226 -45.37 -14.15 0.08
CA ASP A 226 -45.44 -15.18 -0.97
C ASP A 226 -46.14 -14.70 -2.26
N GLN A 227 -47.25 -13.97 -2.09
CA GLN A 227 -48.00 -13.37 -3.20
C GLN A 227 -47.23 -12.27 -3.91
N LEU A 228 -46.51 -11.44 -3.14
CA LEU A 228 -45.63 -10.40 -3.69
C LEU A 228 -44.46 -10.99 -4.49
N GLN A 229 -43.81 -12.02 -3.90
CA GLN A 229 -42.73 -12.77 -4.56
C GLN A 229 -43.18 -13.33 -5.91
N GLU A 230 -44.34 -14.00 -5.90
CA GLU A 230 -44.96 -14.59 -7.10
C GLU A 230 -45.13 -13.52 -8.19
N GLN A 231 -45.67 -12.36 -7.82
CA GLN A 231 -45.88 -11.27 -8.77
C GLN A 231 -44.60 -10.73 -9.38
N PHE A 232 -43.54 -10.64 -8.56
CA PHE A 232 -42.21 -10.27 -9.07
C PHE A 232 -41.64 -11.33 -10.01
N ALA A 233 -41.79 -12.61 -9.63
CA ALA A 233 -41.35 -13.75 -10.46
C ALA A 233 -42.07 -13.78 -11.81
N ILE A 234 -43.39 -13.67 -11.78
CA ILE A 234 -44.23 -13.54 -13.00
C ILE A 234 -43.79 -12.36 -13.87
N THR A 235 -43.47 -11.23 -13.23
CA THR A 235 -43.02 -10.04 -13.94
C THR A 235 -41.69 -10.27 -14.63
N LEU A 236 -40.76 -10.94 -13.94
CA LEU A 236 -39.48 -11.33 -14.53
C LEU A 236 -39.65 -12.35 -15.64
N LYS A 237 -40.43 -13.38 -15.38
CA LYS A 237 -40.78 -14.41 -16.36
C LYS A 237 -41.39 -13.78 -17.61
N SER A 238 -42.30 -12.83 -17.42
CA SER A 238 -42.93 -12.07 -18.51
C SER A 238 -41.97 -11.14 -19.27
N TYR A 239 -41.06 -10.50 -18.52
CA TYR A 239 -40.01 -9.63 -19.09
C TYR A 239 -39.08 -10.38 -20.04
N ILE A 240 -38.58 -11.53 -19.60
CA ILE A 240 -37.70 -12.40 -20.40
C ILE A 240 -38.41 -12.90 -21.65
N GLU A 241 -39.63 -13.42 -21.48
CA GLU A 241 -40.54 -13.78 -22.60
C GLU A 241 -40.69 -12.69 -23.68
N CYS A 242 -40.81 -11.43 -23.24
CA CYS A 242 -41.14 -10.29 -24.12
C CYS A 242 -39.97 -9.47 -24.66
N ASN A 243 -38.93 -9.29 -23.86
CA ASN A 243 -37.78 -8.40 -24.20
C ASN A 243 -36.51 -9.13 -24.68
N ARG A 244 -36.57 -10.47 -24.80
CA ARG A 244 -35.47 -11.28 -25.34
C ARG A 244 -35.95 -12.20 -26.46
N PRO A 245 -35.05 -12.56 -27.41
CA PRO A 245 -35.35 -13.61 -28.42
C PRO A 245 -35.83 -14.95 -27.83
N GLN A 246 -36.77 -15.59 -28.53
CA GLN A 246 -37.29 -16.91 -28.14
C GLN A 246 -37.30 -17.82 -29.38
N PRO A 247 -36.83 -19.08 -29.29
CA PRO A 247 -36.56 -19.84 -28.05
C PRO A 247 -35.08 -19.82 -27.53
N ALA A 248 -34.33 -18.75 -27.80
CA ALA A 248 -32.91 -18.67 -27.37
C ALA A 248 -32.76 -18.63 -25.84
N HIS A 249 -33.55 -17.76 -25.22
CA HIS A 249 -33.64 -17.60 -23.76
C HIS A 249 -34.88 -18.29 -23.16
N ARG A 250 -35.11 -19.53 -23.59
CA ARG A 250 -36.32 -20.29 -23.26
C ARG A 250 -36.34 -20.66 -21.78
N PHE A 251 -35.19 -21.06 -21.24
CA PHE A 251 -35.04 -21.42 -19.83
C PHE A 251 -34.31 -20.38 -18.96
N LEU A 252 -34.18 -19.12 -19.43
CA LEU A 252 -33.44 -18.09 -18.67
C LEU A 252 -34.07 -17.72 -17.31
N PHE A 253 -35.39 -17.65 -17.26
CA PHE A 253 -36.11 -17.44 -15.99
C PHE A 253 -35.79 -18.56 -15.00
N LEU A 254 -35.82 -19.82 -15.44
CA LEU A 254 -35.46 -20.95 -14.57
C LEU A 254 -33.99 -20.94 -14.16
N LYS A 255 -33.10 -20.57 -15.09
CA LYS A 255 -31.68 -20.36 -14.77
C LYS A 255 -31.51 -19.31 -13.67
N ILE A 256 -32.24 -18.21 -13.77
CA ILE A 256 -32.26 -17.20 -12.70
C ILE A 256 -32.78 -17.78 -11.38
N MET A 257 -33.88 -18.53 -11.41
CA MET A 257 -34.42 -19.15 -10.19
C MET A 257 -33.45 -20.15 -9.53
N ALA A 258 -32.76 -20.94 -10.34
CA ALA A 258 -31.66 -21.81 -9.87
C ALA A 258 -30.54 -21.04 -9.15
N MET A 259 -30.16 -19.87 -9.71
CA MET A 259 -29.16 -18.98 -9.10
C MET A 259 -29.62 -18.38 -7.75
N LEU A 260 -30.91 -18.08 -7.59
CA LEU A 260 -31.45 -17.58 -6.31
C LEU A 260 -31.48 -18.62 -5.20
N THR A 261 -31.87 -19.84 -5.54
CA THR A 261 -31.80 -20.99 -4.65
C THR A 261 -30.37 -21.30 -4.20
N GLU A 262 -29.46 -21.28 -5.17
CA GLU A 262 -28.01 -21.48 -4.95
C GLU A 262 -27.41 -20.34 -4.11
N LEU A 263 -27.89 -19.11 -4.32
CA LEU A 263 -27.50 -17.94 -3.51
C LEU A 263 -27.99 -18.02 -2.06
N ARG A 264 -29.22 -18.51 -1.88
CA ARG A 264 -29.78 -18.79 -0.56
C ARG A 264 -28.99 -19.86 0.21
N SER A 265 -28.49 -20.88 -0.49
CA SER A 265 -27.59 -21.89 0.09
C SER A 265 -26.26 -21.26 0.56
N ILE A 266 -25.65 -20.47 -0.32
CA ILE A 266 -24.40 -19.72 -0.05
C ILE A 266 -24.54 -18.78 1.17
N ASN A 267 -25.69 -18.13 1.31
CA ASN A 267 -26.02 -17.26 2.46
C ASN A 267 -25.99 -18.01 3.81
N ALA A 268 -26.55 -19.21 3.84
CA ALA A 268 -26.51 -20.08 5.02
C ALA A 268 -25.06 -20.48 5.33
N GLN A 269 -24.33 -20.92 4.30
CA GLN A 269 -22.89 -21.24 4.40
C GLN A 269 -22.05 -20.04 4.90
N HIS A 270 -22.34 -18.87 4.36
CA HIS A 270 -21.67 -17.62 4.72
C HIS A 270 -21.90 -17.18 6.16
N THR A 271 -23.16 -17.21 6.57
CA THR A 271 -23.53 -16.85 7.94
C THR A 271 -22.81 -17.75 8.97
N GLN A 272 -22.69 -19.04 8.68
CA GLN A 272 -21.88 -19.95 9.52
C GLN A 272 -20.39 -19.57 9.57
N ARG A 273 -19.78 -19.30 8.42
CA ARG A 273 -18.34 -18.93 8.32
C ARG A 273 -17.99 -17.67 9.09
N LEU A 274 -18.79 -16.63 8.88
CA LEU A 274 -18.66 -15.35 9.57
C LEU A 274 -18.76 -15.46 11.08
N LEU A 275 -19.72 -16.27 11.57
CA LEU A 275 -19.90 -16.48 13.00
C LEU A 275 -18.71 -17.19 13.65
N ARG A 276 -18.19 -18.22 12.98
CA ARG A 276 -16.98 -18.96 13.40
C ARG A 276 -15.76 -18.04 13.53
N ILE A 277 -15.59 -17.17 12.53
CA ILE A 277 -14.50 -16.17 12.51
C ILE A 277 -14.71 -15.17 13.64
N GLN A 278 -15.93 -14.60 13.72
CA GLN A 278 -16.33 -13.62 14.77
C GLN A 278 -16.03 -14.11 16.20
N ASP A 279 -16.39 -15.37 16.45
CA ASP A 279 -16.12 -16.09 17.72
C ASP A 279 -14.64 -16.02 18.13
N ILE A 280 -13.75 -16.29 17.17
CA ILE A 280 -12.29 -16.25 17.38
C ILE A 280 -11.81 -14.81 17.37
N HIS A 281 -12.06 -14.12 16.26
CA HIS A 281 -11.55 -12.79 15.98
C HIS A 281 -12.72 -11.82 15.72
N PRO A 282 -13.18 -11.09 16.77
CA PRO A 282 -14.28 -10.11 16.57
C PRO A 282 -13.89 -9.02 15.57
N PHE A 283 -14.62 -8.97 14.46
CA PHE A 283 -14.43 -7.98 13.38
C PHE A 283 -15.70 -7.20 12.94
N ALA A 284 -16.89 -7.68 13.30
CA ALA A 284 -18.14 -7.23 12.68
C ALA A 284 -18.58 -5.87 13.25
N THR A 285 -19.00 -4.97 12.35
CA THR A 285 -19.59 -3.69 12.73
C THR A 285 -20.94 -3.92 13.44
N PRO A 286 -21.45 -2.90 14.19
CA PRO A 286 -22.76 -3.05 14.85
C PRO A 286 -23.93 -3.42 13.93
N LEU A 287 -23.97 -2.84 12.73
CA LEU A 287 -25.00 -3.17 11.74
C LEU A 287 -24.92 -4.64 11.26
N MET A 288 -23.70 -5.15 11.12
CA MET A 288 -23.46 -6.56 10.81
C MET A 288 -23.85 -7.47 11.96
N GLN A 289 -23.45 -7.10 13.17
CA GLN A 289 -23.82 -7.87 14.37
C GLN A 289 -25.33 -8.15 14.43
N GLU A 290 -26.15 -7.13 14.19
CA GLU A 290 -27.63 -7.27 14.13
C GLU A 290 -28.09 -8.16 12.98
N LEU A 291 -27.58 -7.91 11.78
CA LEU A 291 -27.91 -8.70 10.57
C LEU A 291 -27.60 -10.20 10.64
N PHE A 292 -26.49 -10.56 11.28
CA PHE A 292 -26.06 -11.96 11.45
C PHE A 292 -26.31 -12.58 12.84
N GLY A 293 -26.84 -11.82 13.80
CA GLY A 293 -27.28 -12.36 15.09
C GLY A 293 -26.17 -12.57 16.10
N ILE A 294 -25.35 -11.53 16.28
CA ILE A 294 -24.16 -11.52 17.16
C ILE A 294 -24.45 -10.58 18.36
N THR A 295 -23.84 -10.88 19.51
CA THR A 295 -23.97 -10.12 20.76
C THR A 295 -22.56 -9.69 21.21
N SER A 307 -37.76 -9.17 22.40
CA SER A 307 -38.44 -8.52 21.27
C SER A 307 -37.53 -8.34 20.06
N LEU A 308 -38.13 -8.43 18.86
CA LEU A 308 -37.39 -8.34 17.58
C LEU A 308 -36.87 -6.93 17.28
N THR A 309 -37.70 -5.92 17.52
CA THR A 309 -37.29 -4.51 17.43
C THR A 309 -36.22 -4.12 18.48
N GLU A 310 -36.35 -4.68 19.69
CA GLU A 310 -35.36 -4.49 20.78
C GLU A 310 -33.97 -5.02 20.42
N ARG A 311 -33.91 -6.18 19.77
CA ARG A 311 -32.64 -6.80 19.34
C ARG A 311 -32.00 -6.26 18.05
N HIS A 312 -32.71 -5.37 17.32
CA HIS A 312 -32.24 -4.83 16.02
C HIS A 312 -32.47 -3.30 15.92
N LYS A 313 -31.97 -2.58 16.94
CA LYS A 313 -32.26 -1.14 17.11
C LYS A 313 -31.69 -0.23 16.02
N ILE A 314 -30.51 -0.55 15.54
CA ILE A 314 -29.87 0.20 14.43
C ILE A 314 -30.71 0.00 13.17
N LEU A 315 -30.97 -1.28 12.85
CA LEU A 315 -31.80 -1.63 11.68
C LEU A 315 -33.18 -0.99 11.77
N HIS A 316 -33.78 -1.02 12.97
CA HIS A 316 -35.06 -0.37 13.24
C HIS A 316 -35.01 1.14 12.98
N ARG A 317 -34.02 1.81 13.57
CA ARG A 317 -33.75 3.26 13.36
C ARG A 317 -33.60 3.62 11.88
N LEU A 318 -32.79 2.84 11.16
CA LEU A 318 -32.56 3.02 9.73
C LEU A 318 -33.82 2.86 8.89
N LEU A 319 -34.71 1.95 9.29
CA LEU A 319 -36.00 1.76 8.60
C LEU A 319 -37.05 2.85 8.87
N GLN A 320 -36.99 3.50 10.04
CA GLN A 320 -37.87 4.65 10.36
C GLN A 320 -37.48 5.95 9.66
N GLU A 321 -36.17 6.22 9.56
CA GLU A 321 -35.67 7.52 9.02
C GLU A 321 -35.87 7.66 7.52
N LEU B 1 49.61 -11.94 0.33
CA LEU B 1 49.40 -11.23 1.64
C LEU B 1 47.95 -11.25 2.12
N GLY B 2 47.78 -11.05 3.43
CA GLY B 2 46.49 -10.74 4.06
C GLY B 2 46.62 -9.43 4.82
N VAL B 3 45.92 -9.32 5.96
CA VAL B 3 46.01 -8.14 6.83
C VAL B 3 47.37 -7.92 7.52
N GLN B 4 48.23 -8.93 7.54
CA GLN B 4 49.67 -8.79 7.87
C GLN B 4 50.47 -7.76 7.04
N GLY B 5 50.03 -7.49 5.80
CA GLY B 5 50.59 -6.42 4.96
C GLY B 5 50.18 -4.97 5.26
N LEU B 6 49.27 -4.77 6.22
CA LEU B 6 48.90 -3.43 6.72
C LEU B 6 49.62 -3.20 8.04
N THR B 7 49.92 -1.93 8.32
CA THR B 7 50.53 -1.55 9.61
C THR B 7 49.48 -1.66 10.72
N GLU B 8 49.97 -1.76 11.95
CA GLU B 8 49.10 -1.89 13.15
C GLU B 8 48.05 -0.76 13.24
N GLU B 9 48.49 0.45 12.92
CA GLU B 9 47.65 1.65 12.91
C GLU B 9 46.56 1.59 11.83
N GLN B 10 46.90 1.02 10.67
CA GLN B 10 45.93 0.83 9.55
C GLN B 10 44.89 -0.25 9.84
N ARG B 11 45.33 -1.37 10.40
CA ARG B 11 44.42 -2.43 10.86
C ARG B 11 43.43 -1.89 11.90
N MET B 12 43.98 -1.16 12.87
CA MET B 12 43.22 -0.47 13.91
C MET B 12 42.22 0.53 13.34
N MET B 13 42.66 1.29 12.33
CA MET B 13 41.84 2.28 11.63
C MET B 13 40.63 1.66 10.93
N ILE B 14 40.87 0.62 10.14
CA ILE B 14 39.81 -0.14 9.45
C ILE B 14 38.83 -0.77 10.46
N ARG B 15 39.40 -1.40 11.48
CA ARG B 15 38.63 -2.04 12.56
C ARG B 15 37.65 -1.07 13.26
N GLU B 16 38.09 0.17 13.48
CA GLU B 16 37.26 1.21 14.09
C GLU B 16 36.09 1.61 13.18
N LEU B 17 36.38 1.92 11.93
CA LEU B 17 35.36 2.34 10.92
C LEU B 17 34.29 1.28 10.66
N MET B 18 34.74 0.03 10.56
CA MET B 18 33.86 -1.12 10.37
C MET B 18 32.95 -1.36 11.56
N ASP B 19 33.54 -1.34 12.75
CA ASP B 19 32.78 -1.37 14.01
C ASP B 19 31.73 -0.25 14.06
N ALA B 20 32.17 0.97 13.71
CA ALA B 20 31.29 2.12 13.58
C ALA B 20 30.14 1.93 12.61
N GLN B 21 30.45 1.36 11.43
CA GLN B 21 29.44 1.04 10.39
C GLN B 21 28.38 0.05 10.91
N MET B 22 28.86 -1.01 11.55
CA MET B 22 28.00 -2.05 12.15
C MET B 22 27.08 -1.52 13.24
N LYS B 23 27.60 -0.64 14.10
CA LYS B 23 26.80 -0.04 15.19
C LYS B 23 25.78 1.01 14.74
N THR B 24 25.93 1.58 13.53
CA THR B 24 25.16 2.77 13.11
C THR B 24 24.39 2.67 11.81
N PHE B 25 24.56 1.59 11.04
CA PHE B 25 23.83 1.38 9.78
C PHE B 25 22.83 0.25 10.00
N ASP B 26 21.55 0.63 10.01
CA ASP B 26 20.46 -0.32 10.11
C ASP B 26 20.12 -0.77 8.70
N THR B 27 20.83 -1.80 8.22
CA THR B 27 20.69 -2.31 6.84
C THR B 27 19.34 -2.98 6.54
N THR B 28 18.67 -3.47 7.58
CA THR B 28 17.31 -4.06 7.50
C THR B 28 16.17 -3.05 7.78
N PHE B 29 16.52 -1.82 8.22
CA PHE B 29 15.59 -0.69 8.42
C PHE B 29 14.47 -0.99 9.44
N SER B 30 14.81 -1.81 10.44
CA SER B 30 13.91 -2.26 11.50
C SER B 30 13.40 -1.13 12.41
N HIS B 31 14.29 -0.19 12.73
CA HIS B 31 13.99 1.00 13.56
C HIS B 31 13.54 2.26 12.79
N PHE B 32 13.44 2.16 11.45
CA PHE B 32 12.77 3.18 10.65
C PHE B 32 11.25 2.90 10.67
N LYS B 33 10.52 3.78 11.36
CA LYS B 33 9.06 3.70 11.45
C LYS B 33 8.43 5.08 11.76
N ASN B 34 7.10 5.14 11.70
CA ASN B 34 6.30 6.36 11.88
C ASN B 34 6.63 7.44 10.83
N PHE B 35 6.74 6.99 9.57
CA PHE B 35 7.09 7.82 8.39
C PHE B 35 5.85 8.11 7.56
N ARG B 36 5.86 9.24 6.86
CA ARG B 36 4.79 9.63 5.94
C ARG B 36 4.84 8.76 4.68
N LEU B 37 3.66 8.46 4.15
CA LEU B 37 3.48 7.81 2.84
C LEU B 37 2.65 8.72 1.93
N PRO B 38 2.68 8.47 0.60
CA PRO B 38 1.75 9.19 -0.28
C PRO B 38 0.32 8.87 0.08
N GLY B 39 -0.50 9.91 0.28
CA GLY B 39 -1.85 9.79 0.81
C GLY B 39 -2.72 8.90 -0.04
N VAL B 40 -3.59 8.13 0.62
CA VAL B 40 -4.45 7.13 -0.03
C VAL B 40 -5.57 7.85 -0.79
N LEU B 41 -5.84 7.41 -2.02
CA LEU B 41 -6.86 8.01 -2.92
C LEU B 41 -6.56 9.48 -3.26
N GLU B 57 7.95 34.40 -16.30
CA GLU B 57 9.27 33.94 -15.86
C GLU B 57 9.24 32.88 -14.76
N GLU B 58 8.29 33.00 -13.82
CA GLU B 58 8.13 32.04 -12.70
C GLU B 58 7.82 30.58 -13.12
N ALA B 59 7.03 30.42 -14.18
CA ALA B 59 6.70 29.09 -14.74
C ALA B 59 7.87 28.30 -15.35
N ALA B 60 8.95 29.01 -15.76
CA ALA B 60 10.21 28.38 -16.19
C ALA B 60 10.96 27.59 -15.11
N LYS B 61 10.70 27.90 -13.83
CA LYS B 61 11.25 27.14 -12.68
C LYS B 61 10.63 25.74 -12.54
N TRP B 62 9.31 25.67 -12.65
CA TRP B 62 8.55 24.40 -12.70
C TRP B 62 9.07 23.38 -13.73
N SER B 63 9.52 23.88 -14.89
CA SER B 63 10.16 23.07 -15.95
C SER B 63 11.44 22.35 -15.52
N GLN B 64 12.34 23.07 -14.84
CA GLN B 64 13.61 22.50 -14.35
C GLN B 64 13.42 21.50 -13.18
N VAL B 65 12.40 21.72 -12.35
CA VAL B 65 12.05 20.81 -11.25
C VAL B 65 11.56 19.47 -11.84
N ARG B 66 10.57 19.54 -12.73
CA ARG B 66 9.95 18.37 -13.41
C ARG B 66 10.94 17.41 -14.12
N LYS B 67 11.98 17.96 -14.74
CA LYS B 67 12.94 17.19 -15.55
C LYS B 67 13.79 16.21 -14.73
N ASP B 68 14.32 16.68 -13.60
CA ASP B 68 15.09 15.84 -12.67
C ASP B 68 14.25 14.73 -12.05
N LEU B 69 13.11 15.13 -11.45
CA LEU B 69 12.15 14.22 -10.79
C LEU B 69 11.59 13.08 -11.67
N CYS B 70 11.55 13.27 -12.99
CA CYS B 70 11.21 12.19 -13.95
C CYS B 70 12.24 11.06 -13.94
N SER B 71 13.52 11.43 -14.12
CA SER B 71 14.64 10.46 -14.17
C SER B 71 14.76 9.61 -12.91
N LEU B 72 14.60 10.25 -11.74
CA LEU B 72 14.68 9.57 -10.42
C LEU B 72 13.37 8.98 -9.84
N LYS B 73 12.31 8.88 -10.67
CA LYS B 73 10.98 8.39 -10.25
C LYS B 73 11.06 6.93 -9.83
N VAL B 74 10.53 6.61 -8.64
CA VAL B 74 10.54 5.23 -8.06
C VAL B 74 9.15 4.77 -7.64
N SER B 75 8.88 3.47 -7.80
CA SER B 75 7.78 2.77 -7.10
C SER B 75 8.25 2.32 -5.72
N LEU B 76 7.33 2.23 -4.77
CA LEU B 76 7.61 1.98 -3.35
C LEU B 76 6.91 0.70 -2.92
N GLN B 77 7.67 -0.22 -2.33
CA GLN B 77 7.18 -1.52 -1.84
C GLN B 77 7.32 -1.55 -0.31
N LEU B 78 6.34 -2.14 0.37
CA LEU B 78 6.30 -2.20 1.84
C LEU B 78 5.88 -3.60 2.25
N ARG B 79 6.87 -4.44 2.54
CA ARG B 79 6.61 -5.79 3.08
C ARG B 79 6.31 -5.67 4.58
N GLY B 80 5.34 -6.45 5.06
CA GLY B 80 5.04 -6.60 6.50
C GLY B 80 5.54 -7.93 7.01
N GLU B 81 5.86 -8.01 8.31
CA GLU B 81 6.28 -9.29 8.96
C GLU B 81 5.21 -10.37 8.88
N ASP B 82 3.94 -9.96 8.92
CA ASP B 82 2.79 -10.85 8.65
C ASP B 82 2.81 -11.64 7.31
N GLY B 83 3.46 -11.08 6.28
CA GLY B 83 3.58 -11.68 4.93
C GLY B 83 3.15 -10.80 3.76
N SER B 84 2.39 -9.74 4.06
CA SER B 84 1.74 -8.89 3.05
C SER B 84 2.69 -7.95 2.34
N VAL B 85 2.23 -7.39 1.22
CA VAL B 85 2.96 -6.33 0.49
C VAL B 85 2.00 -5.18 0.14
N TRP B 86 2.35 -3.97 0.57
CA TRP B 86 1.77 -2.72 0.05
C TRP B 86 2.70 -2.17 -1.06
N ASN B 87 2.16 -1.97 -2.26
CA ASN B 87 2.90 -1.49 -3.44
C ASN B 87 2.31 -0.14 -3.89
N TYR B 88 3.13 0.90 -3.92
CA TYR B 88 2.77 2.22 -4.47
C TYR B 88 3.48 2.46 -5.81
N LYS B 89 2.73 2.40 -6.90
CA LYS B 89 3.15 2.90 -8.23
C LYS B 89 2.79 4.40 -8.26
N PRO B 90 3.76 5.30 -8.56
CA PRO B 90 3.48 6.73 -8.54
C PRO B 90 2.84 7.20 -9.84
N PRO B 91 2.25 8.42 -9.84
CA PRO B 91 1.57 8.89 -11.04
C PRO B 91 2.52 9.36 -12.15
N ALA B 92 2.09 9.19 -13.40
CA ALA B 92 2.74 9.85 -14.56
C ALA B 92 2.58 11.39 -14.47
N ASP B 93 3.58 12.14 -14.94
CA ASP B 93 3.54 13.62 -14.92
C ASP B 93 2.32 14.18 -15.69
N SER B 94 1.33 14.61 -14.90
CA SER B 94 0.13 15.30 -15.38
C SER B 94 0.35 16.82 -15.58
N GLY B 95 1.39 17.37 -14.94
CA GLY B 95 1.67 18.81 -14.95
C GLY B 95 1.01 19.50 -13.77
N GLY B 96 1.29 19.01 -12.57
CA GLY B 96 0.75 19.57 -11.32
C GLY B 96 1.52 19.12 -10.09
N LYS B 97 0.88 19.24 -8.93
CA LYS B 97 1.48 18.87 -7.64
C LYS B 97 1.69 17.35 -7.42
N GLU B 98 1.02 16.50 -8.21
CA GLU B 98 1.23 15.03 -8.18
C GLU B 98 2.69 14.54 -8.24
N ILE B 99 3.56 15.26 -8.96
CA ILE B 99 5.03 14.96 -8.97
C ILE B 99 5.72 14.97 -7.58
N PHE B 100 5.15 15.72 -6.64
CA PHE B 100 5.65 15.85 -5.26
C PHE B 100 5.15 14.81 -4.24
N SER B 101 4.37 13.80 -4.68
CA SER B 101 3.68 12.86 -3.74
C SER B 101 4.62 12.01 -2.85
N LEU B 102 5.80 11.66 -3.35
CA LEU B 102 6.79 10.89 -2.55
C LEU B 102 7.77 11.73 -1.74
N LEU B 103 7.79 13.04 -1.89
CA LEU B 103 8.76 13.89 -1.18
C LEU B 103 8.72 13.79 0.36
N PRO B 104 7.51 13.89 0.99
CA PRO B 104 7.42 13.69 2.44
C PRO B 104 8.05 12.39 2.93
N HIS B 105 7.75 11.30 2.22
CA HIS B 105 8.31 10.01 2.54
C HIS B 105 9.82 9.98 2.39
N MET B 106 10.27 10.39 1.22
CA MET B 106 11.70 10.42 0.88
C MET B 106 12.47 11.28 1.87
N ALA B 107 11.85 12.39 2.29
CA ALA B 107 12.39 13.24 3.36
C ALA B 107 12.49 12.52 4.71
N ASP B 108 11.47 11.76 5.09
CA ASP B 108 11.55 10.93 6.31
C ASP B 108 12.65 9.85 6.26
N MET B 109 12.75 9.13 5.14
CA MET B 109 13.81 8.13 4.93
C MET B 109 15.20 8.76 4.99
N SER B 110 15.33 9.92 4.33
CA SER B 110 16.57 10.70 4.34
C SER B 110 17.04 11.03 5.74
N THR B 111 16.11 11.57 6.53
CA THR B 111 16.36 11.99 7.89
C THR B 111 16.82 10.81 8.75
N TYR B 112 16.17 9.65 8.59
CA TYR B 112 16.60 8.41 9.27
C TYR B 112 18.04 8.01 8.85
N MET B 113 18.34 8.10 7.56
CA MET B 113 19.69 7.83 7.05
C MET B 113 20.72 8.80 7.59
N PHE B 114 20.38 10.10 7.60
CA PHE B 114 21.24 11.15 8.16
C PHE B 114 21.55 10.96 9.65
N LYS B 115 20.55 10.53 10.43
CA LYS B 115 20.76 10.19 11.85
C LYS B 115 21.77 9.05 12.03
N GLY B 116 21.75 8.08 11.11
CA GLY B 116 22.75 7.00 11.08
C GLY B 116 24.15 7.47 10.75
N ILE B 117 24.25 8.35 9.74
CA ILE B 117 25.51 9.01 9.36
C ILE B 117 26.09 9.87 10.48
N ILE B 118 25.23 10.61 11.18
CA ILE B 118 25.67 11.40 12.34
C ILE B 118 26.21 10.48 13.45
N SER B 119 25.49 9.39 13.74
CA SER B 119 25.96 8.36 14.69
C SER B 119 27.27 7.70 14.25
N PHE B 120 27.40 7.45 12.94
CA PHE B 120 28.62 6.89 12.33
C PHE B 120 29.83 7.78 12.60
N ALA B 121 29.67 9.07 12.35
CA ALA B 121 30.73 10.06 12.57
C ALA B 121 31.15 10.15 14.04
N LYS B 122 30.14 10.28 14.92
CA LYS B 122 30.32 10.30 16.38
C LYS B 122 31.19 9.19 17.02
N VAL B 123 31.02 7.93 16.63
CA VAL B 123 31.81 6.83 17.23
C VAL B 123 33.26 6.73 16.74
N ILE B 124 33.59 7.40 15.64
CA ILE B 124 34.96 7.46 15.13
C ILE B 124 35.75 8.46 16.00
N SER B 125 36.80 7.99 16.66
CA SER B 125 37.67 8.81 17.53
C SER B 125 38.17 10.09 16.87
N TYR B 126 38.71 9.93 15.66
CA TYR B 126 39.30 11.04 14.88
C TYR B 126 38.34 12.21 14.68
N PHE B 127 37.05 11.90 14.52
CA PHE B 127 35.96 12.88 14.40
C PHE B 127 35.58 13.54 15.72
N ARG B 128 35.44 12.75 16.79
CA ARG B 128 35.13 13.29 18.15
C ARG B 128 36.15 14.31 18.69
N ASP B 129 37.43 14.06 18.41
CA ASP B 129 38.52 14.97 18.79
C ASP B 129 38.57 16.29 18.02
N LEU B 130 37.84 16.41 16.91
CA LEU B 130 37.70 17.71 16.22
C LEU B 130 36.86 18.70 17.04
N PRO B 131 37.01 20.03 16.77
CA PRO B 131 36.08 21.02 17.32
C PRO B 131 34.62 20.81 16.89
N ILE B 132 33.68 21.13 17.77
CA ILE B 132 32.23 20.99 17.53
C ILE B 132 31.76 21.64 16.20
N GLU B 133 32.37 22.79 15.84
CA GLU B 133 32.00 23.55 14.64
C GLU B 133 32.43 22.84 13.35
N ASP B 134 33.64 22.29 13.36
CA ASP B 134 34.10 21.41 12.27
C ASP B 134 33.28 20.12 12.11
N GLN B 135 32.88 19.50 13.23
CA GLN B 135 32.01 18.31 13.22
C GLN B 135 30.70 18.59 12.47
N ILE B 136 30.09 19.74 12.76
CA ILE B 136 28.92 20.27 12.03
C ILE B 136 29.24 20.54 10.54
N SER B 137 30.35 21.25 10.30
CA SER B 137 30.77 21.63 8.96
C SER B 137 31.04 20.44 8.05
N LEU B 138 31.73 19.42 8.59
CA LEU B 138 32.01 18.19 7.86
C LEU B 138 30.78 17.35 7.59
N LEU B 139 29.89 17.23 8.59
CA LEU B 139 28.61 16.54 8.42
C LEU B 139 27.68 17.25 7.44
N LYS B 140 27.63 18.59 7.50
CA LYS B 140 26.94 19.42 6.47
C LYS B 140 27.48 19.17 5.05
N GLY B 141 28.80 19.07 4.93
CA GLY B 141 29.44 18.75 3.66
C GLY B 141 29.25 17.34 3.10
N ALA B 142 29.24 16.33 3.99
CA ALA B 142 29.29 14.91 3.59
C ALA B 142 28.05 14.05 3.86
N ALA B 143 26.97 14.63 4.41
CA ALA B 143 25.77 13.86 4.80
C ALA B 143 25.15 13.10 3.65
N PHE B 144 24.85 13.84 2.58
CA PHE B 144 24.30 13.27 1.33
C PHE B 144 25.24 12.22 0.72
N GLU B 145 26.54 12.51 0.71
CA GLU B 145 27.56 11.63 0.11
C GLU B 145 27.61 10.29 0.81
N LEU B 146 27.75 10.33 2.13
CA LEU B 146 27.73 9.12 2.94
C LEU B 146 26.41 8.34 2.86
N CYS B 147 25.28 9.04 2.73
CA CYS B 147 23.98 8.37 2.49
C CYS B 147 23.94 7.61 1.19
N GLN B 148 24.41 8.25 0.12
CA GLN B 148 24.52 7.59 -1.18
C GLN B 148 25.46 6.41 -1.18
N LEU B 149 26.57 6.49 -0.45
CA LEU B 149 27.49 5.36 -0.29
C LEU B 149 26.82 4.19 0.44
N ARG B 150 26.07 4.49 1.49
CA ARG B 150 25.28 3.48 2.20
C ARG B 150 24.16 2.89 1.35
N PHE B 151 23.43 3.74 0.62
CA PHE B 151 22.36 3.29 -0.26
C PHE B 151 22.87 2.36 -1.35
N ASN B 152 24.04 2.67 -1.92
CA ASN B 152 24.62 1.81 -2.94
C ASN B 152 24.88 0.36 -2.47
N THR B 153 25.20 0.17 -1.18
CA THR B 153 25.40 -1.19 -0.63
C THR B 153 24.14 -2.09 -0.62
N VAL B 154 22.97 -1.46 -0.57
CA VAL B 154 21.66 -2.14 -0.71
C VAL B 154 21.00 -2.06 -2.12
N PHE B 155 21.65 -1.35 -3.05
CA PHE B 155 21.21 -1.24 -4.45
C PHE B 155 21.42 -2.55 -5.23
N ASN B 156 20.31 -3.10 -5.75
CA ASN B 156 20.32 -4.23 -6.68
C ASN B 156 20.35 -3.66 -8.11
N ALA B 157 21.47 -3.89 -8.80
CA ALA B 157 21.65 -3.41 -10.17
C ALA B 157 20.78 -4.13 -11.22
N GLU B 158 20.40 -5.39 -10.97
CA GLU B 158 19.68 -6.21 -11.96
C GLU B 158 18.24 -5.70 -12.11
N THR B 159 17.58 -5.52 -10.97
CA THR B 159 16.21 -4.97 -10.86
C THR B 159 16.10 -3.43 -10.71
N GLY B 160 17.23 -2.72 -10.57
CA GLY B 160 17.24 -1.26 -10.40
C GLY B 160 16.54 -0.80 -9.13
N THR B 161 16.71 -1.58 -8.07
CA THR B 161 15.92 -1.48 -6.85
C THR B 161 16.86 -1.32 -5.68
N TRP B 162 16.61 -0.31 -4.84
CA TRP B 162 17.26 -0.19 -3.52
C TRP B 162 16.43 -1.00 -2.55
N GLU B 163 17.03 -2.05 -1.98
CA GLU B 163 16.35 -3.01 -1.10
C GLU B 163 16.61 -2.65 0.35
N CYS B 164 15.70 -1.84 0.94
CA CYS B 164 15.87 -1.30 2.31
C CYS B 164 15.13 -2.11 3.35
N GLY B 165 15.41 -3.41 3.36
CA GLY B 165 14.71 -4.38 4.20
C GLY B 165 13.26 -4.45 3.77
N ARG B 166 12.38 -4.01 4.66
CA ARG B 166 10.94 -4.03 4.39
C ARG B 166 10.50 -2.99 3.35
N LEU B 167 11.18 -1.83 3.33
CA LEU B 167 11.07 -0.87 2.22
C LEU B 167 11.89 -1.31 0.99
N SER B 168 11.32 -1.14 -0.19
CA SER B 168 12.06 -1.22 -1.46
C SER B 168 11.66 -0.06 -2.35
N TYR B 169 12.66 0.66 -2.85
CA TYR B 169 12.47 1.70 -3.87
C TYR B 169 13.01 1.14 -5.18
N CYS B 170 12.14 1.07 -6.18
CA CYS B 170 12.43 0.43 -7.48
C CYS B 170 12.25 1.46 -8.58
N LEU B 171 13.27 1.61 -9.43
CA LEU B 171 13.23 2.59 -10.53
C LEU B 171 12.15 2.27 -11.56
N GLU B 172 11.58 3.33 -12.14
CA GLU B 172 10.45 3.27 -13.07
C GLU B 172 10.95 2.98 -14.50
N ASP B 173 10.15 2.23 -15.27
CA ASP B 173 10.48 1.91 -16.68
C ASP B 173 10.29 3.12 -17.60
N GLY B 177 15.48 0.86 -21.43
CA GLY B 177 15.48 0.99 -19.98
C GLY B 177 16.69 1.77 -19.46
N PHE B 178 17.87 1.16 -19.61
CA PHE B 178 19.15 1.74 -19.14
C PHE B 178 19.63 2.99 -19.90
N GLN B 179 19.16 3.19 -21.14
CA GLN B 179 19.60 4.32 -22.00
C GLN B 179 19.25 5.70 -21.43
N GLN B 180 17.96 5.87 -21.10
CA GLN B 180 17.46 7.11 -20.47
C GLN B 180 18.05 7.35 -19.06
N LEU B 181 18.14 6.28 -18.26
CA LEU B 181 18.53 6.38 -16.84
C LEU B 181 20.04 6.63 -16.59
N LEU B 182 20.91 5.96 -17.34
CA LEU B 182 22.38 6.17 -17.26
C LEU B 182 22.86 7.59 -17.63
N LEU B 183 22.02 8.40 -18.27
CA LEU B 183 22.26 9.84 -18.41
C LEU B 183 22.33 10.52 -17.04
N GLU B 184 21.30 10.33 -16.21
CA GLU B 184 21.16 11.01 -14.90
C GLU B 184 22.33 10.67 -13.96
N PRO B 185 23.23 11.66 -13.66
CA PRO B 185 24.48 11.41 -12.91
C PRO B 185 24.38 10.62 -11.61
N MET B 186 23.33 10.86 -10.84
CA MET B 186 23.12 10.16 -9.57
C MET B 186 22.80 8.67 -9.77
N LEU B 187 22.05 8.31 -10.81
CA LEU B 187 21.77 6.89 -11.15
C LEU B 187 22.97 6.22 -11.75
N LYS B 188 23.61 6.90 -12.71
CA LYS B 188 24.88 6.46 -13.30
C LYS B 188 25.93 6.16 -12.25
N PHE B 189 26.03 7.03 -11.23
CA PHE B 189 26.89 6.82 -10.07
C PHE B 189 26.59 5.49 -9.40
N HIS B 190 25.32 5.21 -9.12
CA HIS B 190 24.91 3.96 -8.44
C HIS B 190 25.23 2.72 -9.27
N TYR B 191 24.96 2.76 -10.57
CA TYR B 191 25.30 1.64 -11.46
C TYR B 191 26.82 1.41 -11.59
N MET B 192 27.60 2.49 -11.69
CA MET B 192 29.07 2.38 -11.78
C MET B 192 29.74 1.85 -10.50
N LEU B 193 29.37 2.40 -9.35
CA LEU B 193 29.94 1.98 -8.06
C LEU B 193 29.62 0.54 -7.70
N LYS B 194 28.44 0.06 -8.10
CA LYS B 194 28.05 -1.32 -7.88
C LYS B 194 28.89 -2.28 -8.73
N LYS B 195 29.14 -1.91 -9.99
CA LYS B 195 29.97 -2.71 -10.93
C LYS B 195 31.42 -2.95 -10.45
N LEU B 196 31.96 -2.04 -9.64
CA LEU B 196 33.26 -2.23 -8.96
C LEU B 196 33.31 -3.35 -7.89
N GLN B 197 32.14 -3.77 -7.37
CA GLN B 197 31.99 -4.91 -6.43
C GLN B 197 32.85 -4.75 -5.18
N LEU B 198 32.68 -3.61 -4.53
CA LEU B 198 33.55 -3.20 -3.42
C LEU B 198 33.26 -4.04 -2.19
N HIS B 199 34.30 -4.28 -1.39
CA HIS B 199 34.15 -4.83 -0.04
C HIS B 199 33.56 -3.78 0.91
N GLU B 200 33.03 -4.25 2.02
CA GLU B 200 32.59 -3.38 3.14
C GLU B 200 33.68 -2.39 3.57
N GLU B 201 34.89 -2.93 3.75
CA GLU B 201 36.07 -2.16 4.12
C GLU B 201 36.35 -0.99 3.14
N GLU B 202 36.19 -1.26 1.85
CA GLU B 202 36.32 -0.22 0.82
C GLU B 202 35.18 0.82 0.84
N TYR B 203 33.95 0.39 1.13
CA TYR B 203 32.83 1.32 1.33
C TYR B 203 33.06 2.24 2.56
N VAL B 204 33.40 1.67 3.73
CA VAL B 204 33.60 2.49 4.95
C VAL B 204 34.76 3.48 4.83
N LEU B 205 35.84 3.06 4.15
CA LEU B 205 36.97 3.94 3.85
C LEU B 205 36.60 5.07 2.87
N MET B 206 35.71 4.80 1.90
CA MET B 206 35.09 5.86 1.08
C MET B 206 34.29 6.85 1.93
N GLN B 207 33.51 6.34 2.89
CA GLN B 207 32.75 7.19 3.83
C GLN B 207 33.68 8.10 4.67
N ALA B 208 34.80 7.54 5.14
CA ALA B 208 35.83 8.30 5.86
C ALA B 208 36.43 9.42 5.01
N ILE B 209 36.79 9.08 3.77
CA ILE B 209 37.44 10.03 2.86
C ILE B 209 36.50 11.19 2.51
N SER B 210 35.22 10.86 2.23
CA SER B 210 34.18 11.90 2.07
C SER B 210 33.95 12.69 3.35
N LEU B 211 33.83 12.00 4.48
CA LEU B 211 33.55 12.66 5.77
C LEU B 211 34.65 13.62 6.16
N PHE B 212 35.89 13.14 6.12
CA PHE B 212 37.07 13.97 6.43
C PHE B 212 37.59 14.72 5.20
N SER B 213 36.79 15.66 4.71
CA SER B 213 37.15 16.51 3.56
C SER B 213 37.62 17.86 4.09
N PRO B 214 38.91 18.22 3.85
CA PRO B 214 39.44 19.48 4.43
C PRO B 214 38.84 20.78 3.88
N ASP B 215 38.30 20.73 2.66
CA ASP B 215 37.80 21.92 1.95
C ASP B 215 36.26 21.97 1.86
N ARG B 216 35.56 21.51 2.91
CA ARG B 216 34.12 21.81 3.05
C ARG B 216 33.99 23.25 3.54
N PRO B 217 32.84 23.91 3.26
CA PRO B 217 32.64 25.27 3.81
C PRO B 217 32.62 25.30 5.35
N GLY B 218 33.24 26.34 5.92
CA GLY B 218 33.32 26.53 7.38
C GLY B 218 34.28 25.66 8.17
N VAL B 219 35.16 24.90 7.50
CA VAL B 219 36.17 24.09 8.17
C VAL B 219 37.29 25.02 8.63
N LEU B 220 37.49 25.06 9.95
CA LEU B 220 38.57 25.82 10.59
C LEU B 220 39.86 25.01 10.52
N GLN B 221 39.85 23.79 11.06
CA GLN B 221 41.02 22.90 11.01
C GLN B 221 41.21 22.29 9.62
N HIS B 222 41.69 23.12 8.69
CA HIS B 222 42.00 22.68 7.32
C HIS B 222 43.07 21.56 7.33
N ARG B 223 44.15 21.76 8.11
CA ARG B 223 45.34 20.89 8.06
C ARG B 223 45.13 19.52 8.73
N VAL B 224 44.53 19.52 9.92
CA VAL B 224 44.24 18.28 10.68
C VAL B 224 43.27 17.34 9.92
N VAL B 225 42.24 17.92 9.29
CA VAL B 225 41.29 17.16 8.48
C VAL B 225 42.00 16.58 7.24
N ASP B 226 42.81 17.41 6.58
CA ASP B 226 43.63 16.99 5.44
C ASP B 226 44.62 15.87 5.78
N GLN B 227 45.30 16.01 6.93
CA GLN B 227 46.17 14.95 7.48
C GLN B 227 45.40 13.63 7.68
N LEU B 228 44.21 13.72 8.27
CA LEU B 228 43.35 12.55 8.46
C LEU B 228 42.88 11.89 7.16
N GLN B 229 42.41 12.71 6.23
CA GLN B 229 41.99 12.23 4.90
C GLN B 229 43.06 11.39 4.20
N GLU B 230 44.28 11.94 4.15
CA GLU B 230 45.42 11.30 3.51
C GLU B 230 45.69 9.90 4.07
N GLN B 231 45.65 9.76 5.40
CA GLN B 231 45.83 8.45 6.03
C GLN B 231 44.71 7.45 5.71
N PHE B 232 43.47 7.93 5.56
CA PHE B 232 42.36 7.04 5.11
C PHE B 232 42.53 6.58 3.67
N ALA B 233 42.98 7.49 2.80
CA ALA B 233 43.29 7.17 1.40
C ALA B 233 44.47 6.22 1.27
N ILE B 234 45.53 6.49 2.05
CA ILE B 234 46.69 5.59 2.16
C ILE B 234 46.28 4.19 2.60
N THR B 235 45.47 4.11 3.66
CA THR B 235 44.95 2.83 4.19
C THR B 235 44.09 2.06 3.17
N LEU B 236 43.26 2.78 2.42
CA LEU B 236 42.45 2.18 1.33
C LEU B 236 43.32 1.56 0.23
N LYS B 237 44.34 2.30 -0.19
CA LYS B 237 45.31 1.85 -1.20
C LYS B 237 46.07 0.60 -0.77
N SER B 238 46.56 0.63 0.47
CA SER B 238 47.24 -0.52 1.11
C SER B 238 46.30 -1.72 1.27
N TYR B 239 45.06 -1.46 1.70
CA TYR B 239 44.04 -2.51 1.83
C TYR B 239 43.81 -3.22 0.50
N ILE B 240 43.54 -2.44 -0.54
CA ILE B 240 43.33 -2.97 -1.91
C ILE B 240 44.50 -3.84 -2.32
N GLU B 241 45.72 -3.31 -2.18
CA GLU B 241 46.95 -4.04 -2.53
C GLU B 241 47.17 -5.34 -1.75
N CYS B 242 46.69 -5.41 -0.51
CA CYS B 242 46.73 -6.62 0.33
C CYS B 242 45.64 -7.69 0.08
N ASN B 243 44.49 -7.31 -0.50
CA ASN B 243 43.33 -8.22 -0.72
C ASN B 243 42.77 -8.30 -2.18
N ARG B 244 43.43 -7.66 -3.15
CA ARG B 244 42.97 -7.63 -4.57
C ARG B 244 44.10 -8.08 -5.52
N PRO B 245 44.46 -9.39 -5.50
CA PRO B 245 45.57 -9.90 -6.33
C PRO B 245 45.39 -9.92 -7.86
N GLN B 246 44.14 -9.87 -8.35
CA GLN B 246 43.80 -10.21 -9.73
C GLN B 246 43.85 -8.99 -10.68
N PRO B 247 44.01 -9.25 -12.01
CA PRO B 247 43.91 -8.17 -13.03
C PRO B 247 42.49 -7.64 -13.35
N ALA B 248 41.44 -8.24 -12.77
CA ALA B 248 40.09 -7.66 -12.77
C ALA B 248 39.94 -6.33 -11.99
N HIS B 249 40.82 -6.09 -11.00
CA HIS B 249 40.77 -4.89 -10.14
C HIS B 249 41.95 -3.92 -10.36
N ARG B 250 42.44 -3.83 -11.60
CA ARG B 250 43.49 -2.87 -11.98
C ARG B 250 42.97 -1.44 -11.89
N PHE B 251 43.78 -0.56 -11.27
CA PHE B 251 43.43 0.83 -10.98
C PHE B 251 42.20 1.02 -10.06
N LEU B 252 41.93 0.06 -9.17
CA LEU B 252 40.74 0.15 -8.28
C LEU B 252 40.78 1.32 -7.30
N PHE B 253 41.94 1.61 -6.73
CA PHE B 253 42.09 2.77 -5.84
C PHE B 253 41.77 4.09 -6.56
N LEU B 254 42.33 4.27 -7.75
CA LEU B 254 42.10 5.47 -8.55
C LEU B 254 40.65 5.56 -9.05
N LYS B 255 40.06 4.42 -9.39
CA LYS B 255 38.63 4.35 -9.76
C LYS B 255 37.76 4.82 -8.63
N ILE B 256 38.01 4.29 -7.42
CA ILE B 256 37.32 4.72 -6.19
C ILE B 256 37.48 6.22 -5.92
N MET B 257 38.69 6.77 -6.03
CA MET B 257 38.93 8.20 -5.80
C MET B 257 38.23 9.11 -6.84
N ALA B 258 38.23 8.69 -8.11
CA ALA B 258 37.45 9.34 -9.17
C ALA B 258 35.94 9.31 -8.88
N MET B 259 35.45 8.22 -8.30
CA MET B 259 34.04 8.11 -7.86
C MET B 259 33.69 9.09 -6.73
N LEU B 260 34.60 9.28 -5.77
CA LEU B 260 34.39 10.27 -4.69
C LEU B 260 34.36 11.72 -5.18
N THR B 261 35.22 12.04 -6.15
CA THR B 261 35.20 13.32 -6.87
C THR B 261 33.89 13.52 -7.63
N GLU B 262 33.40 12.46 -8.27
CA GLU B 262 32.12 12.50 -9.01
C GLU B 262 30.92 12.68 -8.07
N LEU B 263 30.95 11.98 -6.94
CA LEU B 263 29.92 12.07 -5.90
C LEU B 263 29.78 13.48 -5.32
N ARG B 264 30.91 14.14 -5.11
CA ARG B 264 30.95 15.54 -4.69
C ARG B 264 30.35 16.50 -5.74
N SER B 265 30.54 16.22 -7.02
CA SER B 265 29.82 16.93 -8.09
C SER B 265 28.30 16.69 -8.03
N ILE B 266 27.91 15.45 -7.84
CA ILE B 266 26.49 15.06 -7.68
C ILE B 266 25.88 15.69 -6.43
N ASN B 267 26.66 15.81 -5.36
CA ASN B 267 26.28 16.54 -4.12
C ASN B 267 25.89 18.02 -4.39
N ALA B 268 26.67 18.70 -5.22
CA ALA B 268 26.37 20.07 -5.64
C ALA B 268 25.07 20.14 -6.46
N GLN B 269 24.99 19.30 -7.50
CA GLN B 269 23.78 19.16 -8.34
C GLN B 269 22.54 18.75 -7.57
N HIS B 270 22.72 17.95 -6.53
CA HIS B 270 21.64 17.50 -5.66
C HIS B 270 21.09 18.61 -4.77
N THR B 271 21.99 19.33 -4.11
CA THR B 271 21.63 20.48 -3.28
C THR B 271 20.84 21.53 -4.07
N GLN B 272 21.27 21.82 -5.31
CA GLN B 272 20.57 22.77 -6.17
C GLN B 272 19.16 22.32 -6.62
N ARG B 273 18.94 21.02 -6.83
CA ARG B 273 17.56 20.45 -7.02
C ARG B 273 16.70 20.69 -5.78
N LEU B 274 17.26 20.33 -4.63
CA LEU B 274 16.56 20.35 -3.35
C LEU B 274 16.03 21.76 -3.06
N LEU B 275 16.92 22.74 -3.20
CA LEU B 275 16.59 24.15 -2.99
C LEU B 275 15.52 24.67 -3.98
N ARG B 276 15.63 24.29 -5.25
CA ARG B 276 14.60 24.59 -6.28
C ARG B 276 13.21 24.00 -5.97
N ILE B 277 13.19 22.77 -5.46
CA ILE B 277 11.96 22.06 -5.06
C ILE B 277 11.37 22.68 -3.79
N GLN B 278 12.20 22.82 -2.75
CA GLN B 278 11.83 23.47 -1.47
C GLN B 278 11.25 24.88 -1.63
N ASP B 279 11.81 25.63 -2.57
CA ASP B 279 11.33 26.95 -2.96
C ASP B 279 9.86 26.93 -3.43
N ILE B 280 9.48 25.94 -4.26
CA ILE B 280 8.09 25.83 -4.79
C ILE B 280 7.16 24.88 -4.01
N HIS B 281 7.71 23.86 -3.37
CA HIS B 281 6.95 22.87 -2.59
C HIS B 281 7.76 22.43 -1.35
N PRO B 282 7.64 23.16 -0.21
CA PRO B 282 8.30 22.81 1.05
C PRO B 282 8.03 21.38 1.53
N PHE B 283 9.10 20.59 1.62
CA PHE B 283 9.02 19.20 2.09
C PHE B 283 10.08 18.75 3.12
N ALA B 284 11.10 19.57 3.36
CA ALA B 284 12.28 19.14 4.09
C ALA B 284 11.97 19.11 5.58
N THR B 285 12.58 18.13 6.25
CA THR B 285 12.46 17.97 7.70
C THR B 285 13.40 19.01 8.33
N PRO B 286 13.16 19.41 9.61
CA PRO B 286 14.07 20.38 10.26
C PRO B 286 15.57 20.03 10.21
N LEU B 287 15.92 18.73 10.22
CA LEU B 287 17.33 18.31 10.09
C LEU B 287 17.91 18.55 8.70
N MET B 288 17.10 18.29 7.67
CA MET B 288 17.47 18.58 6.28
C MET B 288 17.68 20.07 6.04
N GLN B 289 16.81 20.90 6.64
CA GLN B 289 17.00 22.36 6.61
C GLN B 289 18.35 22.79 7.17
N GLU B 290 18.78 22.14 8.26
CA GLU B 290 20.09 22.39 8.87
C GLU B 290 21.23 21.88 7.99
N LEU B 291 21.11 20.64 7.52
CA LEU B 291 22.13 20.04 6.66
C LEU B 291 22.33 20.73 5.31
N PHE B 292 21.29 21.40 4.79
CA PHE B 292 21.33 22.15 3.52
C PHE B 292 21.16 23.67 3.61
N GLY B 293 20.93 24.21 4.81
CA GLY B 293 20.86 25.66 5.02
C GLY B 293 19.62 26.26 4.39
N ILE B 294 18.49 26.13 5.07
CA ILE B 294 17.18 26.57 4.57
C ILE B 294 16.54 27.54 5.59
N SER B 307 26.48 32.39 15.18
CA SER B 307 27.38 31.25 15.29
C SER B 307 26.88 30.03 14.50
N LEU B 308 27.82 29.15 14.15
CA LEU B 308 27.54 27.89 13.42
C LEU B 308 26.67 26.94 14.27
N THR B 309 27.03 26.80 15.54
CA THR B 309 26.27 25.98 16.51
C THR B 309 24.78 26.38 16.73
N GLU B 310 24.48 27.68 16.66
CA GLU B 310 23.16 28.25 17.03
C GLU B 310 22.04 27.96 16.02
N ARG B 311 22.32 28.20 14.74
CA ARG B 311 21.40 27.82 13.64
C ARG B 311 21.24 26.29 13.51
N HIS B 312 22.34 25.54 13.68
CA HIS B 312 22.34 24.07 13.59
C HIS B 312 22.05 23.41 14.95
N LYS B 313 20.81 23.60 15.40
CA LYS B 313 20.36 23.26 16.76
C LYS B 313 20.25 21.74 17.01
N ILE B 314 19.56 21.05 16.11
CA ILE B 314 19.39 19.58 16.14
C ILE B 314 20.73 18.84 15.95
N LEU B 315 21.53 19.28 14.99
CA LEU B 315 22.90 18.75 14.79
C LEU B 315 23.74 18.86 16.04
N HIS B 316 23.72 20.05 16.65
CA HIS B 316 24.44 20.26 17.90
C HIS B 316 23.97 19.29 19.00
N ARG B 317 22.65 19.14 19.12
CA ARG B 317 22.05 18.21 20.07
C ARG B 317 22.54 16.79 19.79
N LEU B 318 22.42 16.33 18.55
CA LEU B 318 22.78 14.93 18.19
C LEU B 318 24.26 14.61 18.43
N LEU B 319 25.14 15.57 18.16
CA LEU B 319 26.58 15.40 18.41
C LEU B 319 26.93 15.24 19.90
N GLN B 320 26.24 15.98 20.77
CA GLN B 320 26.40 15.84 22.22
C GLN B 320 25.88 14.52 22.84
N GLU B 321 24.94 13.84 22.19
CA GLU B 321 24.30 12.64 22.74
C GLU B 321 25.09 11.32 22.76
N GLY B 322 26.27 11.27 22.13
CA GLY B 322 27.15 10.08 22.16
C GLY B 322 26.59 8.78 21.58
N SER B 323 27.30 7.67 21.86
CA SER B 323 26.98 6.32 21.34
C SER B 323 27.08 6.25 19.82
C5 KUB C . -17.15 -11.03 5.50
C6 KUB C . -16.43 -9.92 5.75
C8 KUB C . -15.22 -12.09 5.81
C11 KUB C . -17.92 -8.42 2.48
C12 KUB C . -17.39 -8.14 1.22
C16 KUB C . -17.16 -9.47 -2.35
C18 KUB C . -16.78 -8.59 -3.54
C19 KUB C . -16.30 -10.72 -2.35
C21 KUB C . -16.09 -13.09 -2.80
C23 KUB C . -14.75 -13.06 -2.37
C24 KUB C . -14.18 -11.86 -1.95
C27 KUB C . -18.31 -10.21 0.38
O1 KUB C . -19.27 -8.81 5.14
S2 KUB C . -19.35 -9.96 4.32
O3 KUB C . -20.62 -10.53 4.03
N4 KUB C . -18.53 -11.05 5.24
S7 KUB C . -14.79 -10.44 6.04
N9 KUB C . -16.47 -12.16 5.56
C10 KUB C . -18.65 -9.59 2.72
CL1 KUB C . -16.49 -6.68 0.98
C14 KUB C . -17.58 -9.04 0.14
N15 KUB C . -17.00 -8.69 -1.10
C20 KUB C . -16.86 -11.92 -2.79
F22 KUB C . -16.65 -14.24 -3.22
C25 KUB C . -14.95 -10.69 -1.93
F26 KUB C . -14.39 -9.54 -1.51
C28 KUB C . -18.84 -10.47 1.65
F29 KUB C . -19.54 -11.60 1.84
C5 KUB D . 15.55 14.20 -1.45
C6 KUB D . 14.49 13.96 -0.68
C8 KUB D . 14.06 14.14 -3.11
C11 KUB D . 16.45 10.68 0.01
C12 KUB D . 16.21 9.39 -0.45
C16 KUB D . 17.58 6.83 -2.79
C18 KUB D . 17.36 5.35 -2.52
C19 KUB D . 17.47 7.11 -4.27
C21 KUB D . 18.60 7.50 -6.38
C23 KUB D . 17.36 7.65 -7.01
C24 KUB D . 16.18 7.54 -6.28
C27 KUB D . 17.73 9.82 -2.29
O1 KUB D . 16.99 13.42 1.13
S2 KUB D . 17.62 13.20 -0.09
O3 KUB D . 19.02 13.36 -0.23
N4 KUB D . 16.83 14.38 -0.94
S7 KUB D . 13.09 13.86 -1.74
N9 KUB D . 15.28 14.30 -2.73
C10 KUB D . 17.29 11.56 -0.66
CL1 KUB D . 15.11 8.37 0.44
C14 KUB D . 16.86 8.94 -1.61
N15 KUB D . 16.60 7.63 -2.06
C20 KUB D . 18.65 7.23 -5.01
F22 KUB D . 19.74 7.60 -7.09
C25 KUB D . 16.23 7.27 -4.92
F26 KUB D . 15.07 7.18 -4.24
C28 KUB D . 17.95 11.10 -1.81
F29 KUB D . 18.78 11.92 -2.46
#